data_7VKE
#
_entry.id   7VKE
#
_cell.length_a   64.820
_cell.length_b   64.820
_cell.length_c   201.316
_cell.angle_alpha   90.000
_cell.angle_beta   90.000
_cell.angle_gamma   120.000
#
_symmetry.space_group_name_H-M   'P 32 2 1'
#
loop_
_entity.id
_entity.type
_entity.pdbx_description
1 polymer 'ADP-ribosyl cyclase/cyclic ADP-ribose hydrolase 1'
2 polymer 'Unidab F11A'
3 non-polymer 1,2-ETHANEDIOL
4 non-polymer 'CHLORIDE ION'
5 non-polymer 'SODIUM ION'
6 non-polymer 'MAGNESIUM ION'
7 water water
#
loop_
_entity_poly.entity_id
_entity_poly.type
_entity_poly.pdbx_seq_one_letter_code
_entity_poly.pdbx_strand_id
1 'polypeptide(L)'
;RWRQTWSGPGTTKRFPETVLARCVKYTEIHPEMRHVDCQSVWDAFKGAFISKHPCDITEEDYQPLMKLGTQTVPCNKILL
WSRIKDLAHQFTQVQRDMFTLEDTLLGYLADDLTWCGEFATSKINYQSCPDWRKDCSNNPVSVFWKTVSRRFAEAACDVV
HVMLDGSRSKIFDKDSTFGSVEVHNLQPEKVQTLEAWVIHGGREDSRDLCQDPTIKELESIISKRNIQFSCKNIYRPDKF
LQCVKNPEDSSCTSEIHHHHHHHH
;
A
2 'polypeptide(L)'
;QVQLVESGGGVVQPGRSLRLSCAASGFTFSSYGMHWVRQAPGKEREWVAVISDDGSNKYYADSVKGRFTISRDNSKNTLY
LQMNSLRVEDTAVYYCAKDRGTMRVVVYDTLDIWGQGTLVTVSSHHHHHH
;
B
#
# COMPACT_ATOMS: atom_id res chain seq x y z
N TRP A 2 20.57 18.62 -26.83
CA TRP A 2 21.86 17.91 -27.11
C TRP A 2 21.69 17.03 -28.35
N ARG A 3 22.71 16.28 -28.77
CA ARG A 3 22.69 15.47 -30.03
C ARG A 3 23.43 14.13 -29.85
N GLN A 4 24.71 14.17 -29.47
CA GLN A 4 25.54 12.97 -29.12
C GLN A 4 26.11 13.11 -27.71
N THR A 5 26.10 14.28 -27.14
CA THR A 5 26.55 14.60 -25.76
C THR A 5 25.32 15.00 -24.93
N TRP A 6 25.00 14.21 -23.90
CA TRP A 6 23.76 14.36 -23.08
C TRP A 6 24.11 14.81 -21.65
N SER A 7 23.12 15.26 -20.90
CA SER A 7 23.25 15.81 -19.51
C SER A 7 23.20 14.72 -18.44
N GLY A 8 22.71 13.52 -18.74
CA GLY A 8 22.47 12.48 -17.72
C GLY A 8 23.60 11.45 -17.67
N PRO A 9 23.76 10.71 -16.55
CA PRO A 9 24.70 9.60 -16.50
C PRO A 9 24.50 8.67 -17.71
N GLY A 10 25.58 8.03 -18.15
CA GLY A 10 25.56 7.11 -19.29
C GLY A 10 25.16 5.73 -18.84
N THR A 11 24.89 4.84 -19.78
CA THR A 11 24.50 3.45 -19.47
C THR A 11 25.32 2.96 -18.29
N THR A 12 24.65 2.39 -17.30
CA THR A 12 25.31 1.72 -16.15
C THR A 12 26.43 0.85 -16.69
N LYS A 13 27.61 0.91 -16.06
CA LYS A 13 28.78 0.05 -16.39
C LYS A 13 28.32 -1.42 -16.27
N ARG A 14 28.57 -2.21 -17.32
CA ARG A 14 28.32 -3.69 -17.39
C ARG A 14 26.81 -3.96 -17.50
N PHE A 15 26.05 -3.05 -18.11
CA PHE A 15 24.57 -3.12 -18.20
C PHE A 15 24.14 -4.51 -18.70
N PRO A 16 24.72 -5.02 -19.82
N PRO A 16 24.61 -4.97 -19.88
CA PRO A 16 24.21 -6.25 -20.43
CA PRO A 16 24.18 -6.26 -20.44
C PRO A 16 24.32 -7.47 -19.50
C PRO A 16 24.30 -7.46 -19.48
N GLU A 17 25.42 -7.53 -18.76
CA GLU A 17 25.71 -8.63 -17.81
C GLU A 17 24.71 -8.53 -16.65
N THR A 18 24.51 -7.32 -16.12
CA THR A 18 23.62 -7.06 -14.96
C THR A 18 22.18 -7.47 -15.33
N VAL A 19 21.68 -7.09 -16.50
CA VAL A 19 20.29 -7.45 -16.91
C VAL A 19 20.16 -8.97 -16.97
N LEU A 20 21.06 -9.64 -17.70
CA LEU A 20 20.99 -11.13 -17.85
C LEU A 20 21.14 -11.80 -16.49
N ALA A 21 22.15 -11.40 -15.70
CA ALA A 21 22.43 -11.89 -14.34
C ALA A 21 21.15 -11.83 -13.50
N ARG A 22 20.58 -10.63 -13.39
CA ARG A 22 19.42 -10.44 -12.48
C ARG A 22 18.20 -11.11 -13.14
N CYS A 23 18.14 -11.26 -14.47
CA CYS A 23 17.05 -12.04 -15.13
C CYS A 23 17.12 -13.53 -14.73
N VAL A 24 18.32 -14.10 -14.61
CA VAL A 24 18.48 -15.56 -14.28
C VAL A 24 18.11 -15.74 -12.80
N LYS A 25 18.64 -14.91 -11.91
CA LYS A 25 18.36 -14.99 -10.46
C LYS A 25 16.84 -14.93 -10.25
N TYR A 26 16.13 -14.07 -10.98
CA TYR A 26 14.67 -13.84 -10.84
C TYR A 26 13.90 -15.08 -11.34
N THR A 27 14.32 -15.67 -12.46
CA THR A 27 13.55 -16.74 -13.15
C THR A 27 13.78 -18.10 -12.45
N GLU A 28 14.94 -18.29 -11.80
CA GLU A 28 15.23 -19.43 -10.88
C GLU A 28 14.29 -19.29 -9.68
N ILE A 29 14.35 -18.16 -8.98
CA ILE A 29 13.65 -17.90 -7.69
C ILE A 29 12.13 -17.89 -7.89
N HIS A 30 11.62 -17.67 -9.11
CA HIS A 30 10.16 -17.55 -9.40
C HIS A 30 9.76 -18.54 -10.50
N PRO A 31 9.50 -19.83 -10.16
CA PRO A 31 9.27 -20.87 -11.17
C PRO A 31 7.96 -20.69 -11.95
N GLU A 32 6.95 -20.07 -11.35
CA GLU A 32 5.64 -19.76 -12.02
C GLU A 32 5.91 -19.08 -13.36
N MET A 33 7.06 -18.41 -13.46
CA MET A 33 7.46 -17.97 -14.89
CA MET A 33 7.54 -17.96 -14.82
C MET A 33 8.40 -19.08 -15.56
N ARG A 34 9.82 -18.84 -15.52
CA ARG A 34 10.67 -19.98 -15.96
C ARG A 34 10.49 -20.24 -17.47
N HIS A 35 9.26 -20.36 -17.99
CA HIS A 35 9.04 -20.44 -19.46
C HIS A 35 9.95 -19.42 -20.18
N VAL A 36 10.21 -18.28 -19.53
CA VAL A 36 11.01 -17.11 -20.05
C VAL A 36 12.45 -17.54 -20.40
N ASP A 37 12.94 -17.07 -21.54
CA ASP A 37 14.36 -17.19 -21.99
C ASP A 37 15.10 -15.86 -21.74
N CYS A 38 16.06 -15.85 -20.81
CA CYS A 38 16.76 -14.62 -20.34
C CYS A 38 17.58 -14.00 -21.50
N GLN A 39 18.27 -14.81 -22.33
CA GLN A 39 18.93 -14.31 -23.57
C GLN A 39 17.87 -13.64 -24.45
N SER A 40 16.70 -14.25 -24.60
CA SER A 40 15.59 -13.70 -25.42
C SER A 40 15.08 -12.36 -24.84
N VAL A 41 14.99 -12.22 -23.51
CA VAL A 41 14.43 -10.97 -22.89
C VAL A 41 15.42 -9.84 -23.14
N TRP A 42 16.73 -10.07 -22.91
CA TRP A 42 17.83 -9.12 -23.18
C TRP A 42 17.83 -8.66 -24.63
N ASP A 43 17.58 -9.60 -25.56
CA ASP A 43 17.46 -9.28 -27.01
C ASP A 43 16.30 -8.30 -27.18
N ALA A 44 15.16 -8.55 -26.54
CA ALA A 44 13.94 -7.70 -26.62
C ALA A 44 14.18 -6.31 -26.02
N PHE A 45 15.04 -6.25 -25.00
CA PHE A 45 15.34 -5.02 -24.20
C PHE A 45 16.36 -4.18 -24.98
N LYS A 46 17.53 -4.73 -25.28
CA LYS A 46 18.51 -4.11 -26.23
C LYS A 46 17.77 -3.64 -27.50
N GLY A 47 16.94 -4.49 -28.10
CA GLY A 47 16.20 -4.16 -29.33
C GLY A 47 15.34 -2.92 -29.19
N ALA A 48 14.91 -2.58 -27.99
CA ALA A 48 13.95 -1.47 -27.75
C ALA A 48 14.61 -0.11 -28.06
N PHE A 49 15.93 0.02 -27.85
CA PHE A 49 16.61 1.35 -27.90
C PHE A 49 17.93 1.33 -28.71
N ILE A 50 18.52 0.16 -28.98
CA ILE A 50 19.85 0.07 -29.65
C ILE A 50 19.67 0.54 -31.09
N SER A 51 20.65 1.30 -31.61
CA SER A 51 20.66 1.87 -32.99
C SER A 51 19.46 2.81 -33.21
N LYS A 52 18.86 3.33 -32.14
CA LYS A 52 17.76 4.34 -32.22
C LYS A 52 18.25 5.63 -31.57
N HIS A 53 17.68 6.76 -31.99
N HIS A 53 17.70 6.77 -32.01
CA HIS A 53 17.94 8.09 -31.37
CA HIS A 53 17.93 8.09 -31.39
C HIS A 53 17.36 8.10 -29.97
C HIS A 53 17.37 8.08 -29.97
N PRO A 54 18.20 8.30 -28.92
CA PRO A 54 17.73 8.20 -27.53
C PRO A 54 16.74 9.29 -27.10
N CYS A 55 16.28 10.13 -28.01
CA CYS A 55 15.17 11.09 -27.74
C CYS A 55 13.93 10.80 -28.57
N ASP A 56 13.90 9.69 -29.32
CA ASP A 56 12.77 9.35 -30.22
C ASP A 56 12.21 7.98 -29.87
N ILE A 57 12.37 7.54 -28.62
CA ILE A 57 11.92 6.18 -28.18
C ILE A 57 10.43 6.30 -27.79
N THR A 58 9.64 5.28 -28.12
CA THR A 58 8.17 5.21 -27.95
C THR A 58 7.82 3.95 -27.15
N GLU A 59 6.58 3.85 -26.67
CA GLU A 59 6.10 2.63 -25.92
C GLU A 59 6.24 1.38 -26.80
N GLU A 60 5.93 1.52 -28.09
CA GLU A 60 5.90 0.38 -29.06
C GLU A 60 7.26 -0.30 -29.04
N ASP A 61 8.35 0.47 -28.93
CA ASP A 61 9.72 -0.07 -28.89
C ASP A 61 9.83 -1.14 -27.80
N TYR A 62 9.05 -1.01 -26.73
CA TYR A 62 9.14 -1.90 -25.53
C TYR A 62 8.13 -3.06 -25.61
N GLN A 63 7.22 -3.08 -26.60
CA GLN A 63 6.21 -4.15 -26.71
C GLN A 63 6.88 -5.52 -26.75
N PRO A 64 7.90 -5.76 -27.59
CA PRO A 64 8.61 -7.04 -27.51
C PRO A 64 8.94 -7.44 -26.06
N LEU A 65 9.55 -6.51 -25.31
CA LEU A 65 10.02 -6.75 -23.93
C LEU A 65 8.81 -7.07 -23.04
N MET A 66 7.73 -6.29 -23.17
CA MET A 66 6.49 -6.41 -22.35
C MET A 66 5.93 -7.84 -22.50
N LYS A 67 5.82 -8.34 -23.74
CA LYS A 67 5.23 -9.68 -24.03
C LYS A 67 6.09 -10.76 -23.36
N LEU A 68 7.42 -10.71 -23.52
CA LEU A 68 8.35 -11.69 -22.91
C LEU A 68 8.30 -11.63 -21.38
N GLY A 69 7.92 -10.48 -20.81
CA GLY A 69 7.93 -10.23 -19.35
C GLY A 69 6.53 -10.21 -18.76
N THR A 70 5.51 -10.59 -19.53
CA THR A 70 4.11 -10.77 -19.01
C THR A 70 4.20 -11.59 -17.73
N GLN A 71 3.46 -11.16 -16.71
CA GLN A 71 3.53 -11.70 -15.34
C GLN A 71 2.22 -11.30 -14.67
N THR A 72 1.31 -12.20 -14.28
CA THR A 72 0.19 -11.62 -13.49
C THR A 72 0.51 -11.80 -12.01
N VAL A 73 0.62 -10.62 -11.44
CA VAL A 73 0.77 -10.30 -10.00
C VAL A 73 -0.65 -10.22 -9.49
N PRO A 74 -0.96 -10.84 -8.33
CA PRO A 74 -2.29 -10.72 -7.75
C PRO A 74 -2.68 -9.24 -7.70
N CYS A 75 -3.80 -8.91 -8.33
CA CYS A 75 -4.20 -7.51 -8.57
C CYS A 75 -4.55 -6.84 -7.23
N ASN A 76 -4.87 -7.62 -6.21
CA ASN A 76 -5.36 -7.15 -4.88
C ASN A 76 -4.21 -6.98 -3.90
N LYS A 77 -2.97 -7.19 -4.32
CA LYS A 77 -1.78 -7.16 -3.45
C LYS A 77 -0.75 -6.15 -3.94
N ILE A 78 -1.18 -5.06 -4.55
CA ILE A 78 -0.23 -4.09 -5.15
C ILE A 78 0.07 -2.94 -4.19
N LEU A 79 1.37 -2.61 -4.10
CA LEU A 79 1.89 -1.42 -3.42
C LEU A 79 2.57 -0.49 -4.42
N LEU A 80 1.99 0.69 -4.57
CA LEU A 80 2.58 1.84 -5.28
C LEU A 80 3.39 2.62 -4.25
N TRP A 81 4.31 3.45 -4.71
CA TRP A 81 5.16 4.23 -3.80
C TRP A 81 5.72 5.43 -4.57
N SER A 82 5.99 6.50 -3.85
CA SER A 82 6.62 7.73 -4.39
C SER A 82 7.69 8.24 -3.43
N ARG A 83 8.95 8.25 -3.86
CA ARG A 83 10.12 8.81 -3.14
C ARG A 83 10.57 8.03 -1.89
N ILE A 84 9.78 7.11 -1.35
CA ILE A 84 10.16 6.38 -0.11
C ILE A 84 10.44 4.95 -0.62
N LYS A 85 11.56 4.77 -1.29
CA LYS A 85 11.90 3.52 -2.01
C LYS A 85 12.28 2.43 -0.99
N ASP A 86 13.10 2.78 -0.01
CA ASP A 86 13.67 1.78 0.93
C ASP A 86 12.54 1.09 1.68
N LEU A 87 11.67 1.86 2.36
CA LEU A 87 10.65 1.27 3.25
C LEU A 87 9.60 0.54 2.38
N ALA A 88 9.33 1.03 1.18
CA ALA A 88 8.39 0.34 0.27
C ALA A 88 8.85 -1.09 -0.01
N HIS A 89 10.14 -1.27 -0.28
CA HIS A 89 10.73 -2.56 -0.71
C HIS A 89 10.96 -3.44 0.52
N GLN A 90 11.34 -2.83 1.64
CA GLN A 90 11.42 -3.54 2.95
C GLN A 90 10.06 -4.15 3.26
N PHE A 91 9.01 -3.36 3.08
CA PHE A 91 7.63 -3.80 3.36
C PHE A 91 7.32 -5.05 2.53
N THR A 92 7.62 -5.09 1.23
CA THR A 92 7.28 -6.30 0.42
C THR A 92 8.25 -7.44 0.77
N GLN A 93 9.39 -7.15 1.38
CA GLN A 93 10.29 -8.23 1.90
C GLN A 93 9.70 -8.86 3.16
N VAL A 94 8.95 -8.13 3.99
CA VAL A 94 8.35 -8.73 5.22
C VAL A 94 6.93 -9.23 4.93
N GLN A 95 6.18 -8.51 4.10
CA GLN A 95 4.82 -8.92 3.70
C GLN A 95 4.94 -9.50 2.30
N ARG A 96 5.26 -10.80 2.20
CA ARG A 96 5.84 -11.38 0.97
C ARG A 96 4.75 -11.71 -0.05
N ASP A 97 3.47 -11.55 0.26
CA ASP A 97 2.37 -11.71 -0.73
C ASP A 97 2.08 -10.35 -1.41
N MET A 98 2.75 -9.25 -1.06
CA MET A 98 2.48 -7.96 -1.73
C MET A 98 3.63 -7.58 -2.66
N PHE A 99 3.38 -6.74 -3.65
CA PHE A 99 4.36 -6.46 -4.74
C PHE A 99 4.41 -4.97 -5.05
N THR A 100 5.63 -4.45 -5.15
CA THR A 100 5.93 -3.20 -5.90
C THR A 100 6.25 -3.53 -7.35
N LEU A 101 6.27 -2.51 -8.18
CA LEU A 101 6.70 -2.64 -9.59
C LEU A 101 8.06 -3.35 -9.66
N GLU A 102 8.95 -3.03 -8.73
CA GLU A 102 10.36 -3.47 -8.72
C GLU A 102 10.48 -4.91 -8.21
N ASP A 103 9.38 -5.51 -7.74
CA ASP A 103 9.32 -6.96 -7.36
C ASP A 103 8.85 -7.81 -8.53
N THR A 104 8.39 -7.20 -9.61
CA THR A 104 8.07 -7.90 -10.89
C THR A 104 9.36 -8.12 -11.69
N LEU A 105 9.34 -9.06 -12.64
CA LEU A 105 10.53 -9.41 -13.45
C LEU A 105 11.05 -8.13 -14.11
N LEU A 106 10.20 -7.43 -14.86
CA LEU A 106 10.59 -6.23 -15.67
C LEU A 106 11.11 -5.12 -14.75
N GLY A 107 10.39 -4.82 -13.66
CA GLY A 107 10.84 -3.78 -12.73
C GLY A 107 12.16 -4.17 -12.10
N TYR A 108 12.32 -5.46 -11.77
CA TYR A 108 13.54 -6.03 -11.13
C TYR A 108 14.75 -5.88 -12.06
N LEU A 109 14.56 -6.12 -13.36
CA LEU A 109 15.65 -6.01 -14.38
C LEU A 109 16.23 -4.60 -14.37
N ALA A 110 15.37 -3.57 -14.37
CA ALA A 110 15.72 -2.19 -14.74
C ALA A 110 16.03 -1.33 -13.50
N ASP A 111 15.70 -1.82 -12.31
CA ASP A 111 15.78 -1.02 -11.06
C ASP A 111 17.20 -0.47 -10.91
N ASP A 112 17.31 0.85 -10.76
CA ASP A 112 18.57 1.59 -10.47
C ASP A 112 19.49 1.58 -11.69
N LEU A 113 19.05 1.07 -12.84
CA LEU A 113 19.92 1.07 -14.03
C LEU A 113 19.57 2.24 -14.95
N THR A 114 20.56 2.68 -15.73
CA THR A 114 20.42 3.67 -16.85
C THR A 114 20.93 3.01 -18.13
N TRP A 115 20.36 3.39 -19.26
CA TRP A 115 20.73 2.81 -20.58
C TRP A 115 20.30 3.77 -21.67
N CYS A 116 21.07 3.81 -22.76
CA CYS A 116 20.66 4.39 -24.06
C CYS A 116 21.62 3.93 -25.17
N GLY A 117 21.19 4.11 -26.43
CA GLY A 117 22.02 3.86 -27.64
C GLY A 117 22.28 5.13 -28.44
N GLU A 118 22.67 4.97 -29.72
CA GLU A 118 22.86 6.09 -30.69
C GLU A 118 22.10 5.77 -31.98
N PHE A 119 21.77 6.81 -32.75
CA PHE A 119 20.89 6.80 -33.97
C PHE A 119 21.32 5.72 -34.98
N ALA A 120 22.62 5.41 -35.06
CA ALA A 120 23.13 4.34 -35.96
C ALA A 120 24.27 3.49 -35.37
N THR A 121 25.11 4.04 -34.48
CA THR A 121 26.36 3.38 -34.03
C THR A 121 26.07 1.95 -33.57
N SER A 122 24.81 1.59 -33.25
CA SER A 122 24.42 0.20 -32.89
C SER A 122 25.16 -0.24 -31.61
N LYS A 123 25.96 0.66 -31.02
CA LYS A 123 26.63 0.47 -29.70
C LYS A 123 25.77 1.09 -28.59
N ILE A 124 25.95 0.60 -27.37
CA ILE A 124 25.34 1.20 -26.14
C ILE A 124 26.21 2.41 -25.79
N ASN A 125 25.59 3.52 -25.40
CA ASN A 125 26.30 4.77 -25.02
C ASN A 125 26.56 4.74 -23.51
N TYR A 126 27.81 4.51 -23.11
CA TYR A 126 28.28 4.46 -21.70
C TYR A 126 28.73 5.85 -21.24
N GLN A 127 28.85 6.81 -22.16
CA GLN A 127 29.45 8.13 -21.83
C GLN A 127 28.37 8.98 -21.13
N SER A 128 27.22 9.13 -21.78
N SER A 128 27.21 9.09 -21.77
CA SER A 128 26.07 9.93 -21.27
CA SER A 128 26.06 9.89 -21.26
C SER A 128 24.76 9.39 -21.85
C SER A 128 24.75 9.38 -21.87
N CYS A 129 23.64 9.75 -21.24
CA CYS A 129 22.26 9.44 -21.71
C CYS A 129 21.37 10.63 -21.39
N PRO A 130 20.28 10.84 -22.16
CA PRO A 130 19.38 11.96 -21.98
C PRO A 130 18.79 12.09 -20.58
N ASP A 131 18.88 13.30 -20.03
CA ASP A 131 18.18 13.72 -18.80
C ASP A 131 16.75 14.09 -19.18
N TRP A 132 15.78 13.63 -18.39
CA TRP A 132 14.32 13.84 -18.62
C TRP A 132 14.02 15.34 -18.79
N ARG A 133 14.51 16.16 -17.86
CA ARG A 133 14.20 17.61 -17.75
C ARG A 133 14.96 18.39 -18.84
N LYS A 134 16.28 18.22 -18.87
CA LYS A 134 17.20 19.11 -19.60
C LYS A 134 17.34 18.67 -21.04
N ASP A 135 17.26 17.37 -21.31
CA ASP A 135 17.52 16.83 -22.66
C ASP A 135 16.17 16.56 -23.33
N CYS A 136 15.44 15.50 -22.92
CA CYS A 136 14.23 15.02 -23.65
C CYS A 136 13.52 13.91 -22.84
N SER A 137 12.19 13.88 -22.92
CA SER A 137 11.29 13.00 -22.13
C SER A 137 11.20 11.61 -22.76
N ASN A 138 11.41 11.50 -24.08
CA ASN A 138 11.24 10.23 -24.84
C ASN A 138 12.57 9.47 -24.93
N ASN A 139 13.19 9.20 -23.79
CA ASN A 139 14.48 8.50 -23.71
C ASN A 139 14.26 7.07 -23.23
N PRO A 140 15.20 6.16 -23.53
CA PRO A 140 15.00 4.74 -23.24
C PRO A 140 14.50 4.47 -21.81
N VAL A 141 15.06 5.18 -20.82
CA VAL A 141 14.78 4.92 -19.38
C VAL A 141 13.40 5.47 -19.03
N SER A 142 13.11 6.72 -19.35
CA SER A 142 11.85 7.39 -19.00
C SER A 142 10.68 6.66 -19.66
N VAL A 143 10.84 6.24 -20.91
CA VAL A 143 9.74 5.59 -21.70
C VAL A 143 9.48 4.20 -21.13
N PHE A 144 10.51 3.45 -20.78
CA PHE A 144 10.38 2.15 -20.10
C PHE A 144 9.54 2.28 -18.82
N TRP A 145 9.91 3.17 -17.91
CA TRP A 145 9.21 3.31 -16.60
C TRP A 145 7.78 3.81 -16.81
N LYS A 146 7.55 4.72 -17.74
CA LYS A 146 6.17 5.19 -18.03
C LYS A 146 5.32 4.00 -18.51
N THR A 147 5.85 3.13 -19.37
CA THR A 147 5.05 2.03 -19.95
C THR A 147 4.75 0.97 -18.88
N VAL A 148 5.75 0.47 -18.17
CA VAL A 148 5.57 -0.59 -17.15
C VAL A 148 4.70 -0.05 -16.00
N SER A 149 4.85 1.22 -15.62
CA SER A 149 4.10 1.84 -14.50
C SER A 149 2.64 1.97 -14.88
N ARG A 150 2.32 2.44 -16.09
CA ARG A 150 0.91 2.46 -16.58
C ARG A 150 0.30 1.05 -16.49
N ARG A 151 0.98 0.02 -16.98
CA ARG A 151 0.40 -1.36 -17.03
C ARG A 151 0.16 -1.85 -15.60
N PHE A 152 1.13 -1.63 -14.73
CA PHE A 152 1.11 -2.09 -13.31
C PHE A 152 -0.12 -1.49 -12.61
N ALA A 153 -0.28 -0.16 -12.65
CA ALA A 153 -1.45 0.52 -12.04
C ALA A 153 -2.77 0.07 -12.67
N GLU A 154 -2.79 -0.08 -14.00
CA GLU A 154 -4.02 -0.41 -14.75
C GLU A 154 -4.57 -1.78 -14.31
N ALA A 155 -3.69 -2.73 -14.00
CA ALA A 155 -4.02 -4.10 -13.51
C ALA A 155 -4.52 -4.10 -12.06
N ALA A 156 -4.12 -3.14 -11.24
CA ALA A 156 -4.43 -3.11 -9.77
C ALA A 156 -5.93 -3.26 -9.52
N CYS A 157 -6.31 -3.94 -8.43
CA CYS A 157 -7.76 -4.12 -8.10
C CYS A 157 -8.01 -4.06 -6.57
N ASP A 158 -9.29 -3.98 -6.19
CA ASP A 158 -9.73 -4.12 -4.78
C ASP A 158 -9.08 -2.96 -4.01
N VAL A 159 -8.31 -3.25 -2.97
CA VAL A 159 -7.62 -2.19 -2.20
C VAL A 159 -6.20 -2.10 -2.74
N VAL A 160 -5.86 -0.93 -3.24
CA VAL A 160 -4.51 -0.57 -3.67
C VAL A 160 -3.90 0.32 -2.60
N HIS A 161 -2.65 0.09 -2.27
CA HIS A 161 -1.95 0.89 -1.23
C HIS A 161 -0.93 1.76 -1.92
N VAL A 162 -0.66 2.93 -1.33
CA VAL A 162 0.48 3.74 -1.80
C VAL A 162 1.25 4.28 -0.60
N MET A 163 2.56 4.15 -0.66
CA MET A 163 3.46 4.69 0.39
C MET A 163 4.03 6.02 -0.13
N LEU A 164 3.83 7.07 0.65
CA LEU A 164 4.34 8.44 0.36
C LEU A 164 5.31 8.91 1.44
N ASP A 165 6.24 9.75 1.01
CA ASP A 165 7.27 10.34 1.88
C ASP A 165 6.71 11.63 2.49
N GLY A 166 6.27 11.54 3.74
CA GLY A 166 5.70 12.63 4.56
C GLY A 166 6.72 13.72 4.89
N SER A 167 8.00 13.50 4.62
CA SER A 167 9.09 14.49 4.85
C SER A 167 9.38 15.39 3.64
N ARG A 168 8.70 15.21 2.50
CA ARG A 168 8.92 16.03 1.27
C ARG A 168 8.02 17.26 1.32
N SER A 169 8.41 18.33 0.64
CA SER A 169 7.59 19.56 0.48
C SER A 169 6.29 19.23 -0.28
N LYS A 170 6.33 18.25 -1.19
CA LYS A 170 5.13 17.75 -1.91
C LYS A 170 4.94 16.26 -1.59
N ILE A 171 4.15 15.96 -0.56
CA ILE A 171 3.94 14.56 -0.10
C ILE A 171 3.33 13.79 -1.25
N PHE A 172 2.27 14.34 -1.82
CA PHE A 172 1.73 13.94 -3.15
C PHE A 172 2.23 14.93 -4.20
N ASP A 173 2.98 14.43 -5.20
CA ASP A 173 3.57 15.22 -6.32
C ASP A 173 2.85 14.85 -7.61
N LYS A 174 1.99 15.73 -8.10
CA LYS A 174 1.22 15.53 -9.35
C LYS A 174 2.16 15.21 -10.53
N ASP A 175 3.43 15.61 -10.47
CA ASP A 175 4.39 15.47 -11.59
C ASP A 175 5.24 14.21 -11.40
N SER A 176 5.06 13.45 -10.32
CA SER A 176 5.72 12.12 -10.15
C SER A 176 5.07 11.13 -11.11
N THR A 177 5.71 9.98 -11.33
CA THR A 177 5.11 8.86 -12.11
C THR A 177 3.82 8.43 -11.42
N PHE A 178 3.82 8.39 -10.08
CA PHE A 178 2.59 8.07 -9.30
C PHE A 178 1.52 9.10 -9.64
N GLY A 179 1.85 10.39 -9.58
CA GLY A 179 0.84 11.44 -9.78
C GLY A 179 0.39 11.58 -11.23
N SER A 180 1.28 11.36 -12.17
N SER A 180 1.28 11.34 -12.18
CA SER A 180 1.02 11.63 -13.61
CA SER A 180 1.05 11.66 -13.63
C SER A 180 0.37 10.39 -14.24
C SER A 180 0.50 10.44 -14.38
N VAL A 181 1.00 9.23 -14.09
CA VAL A 181 0.63 8.00 -14.82
C VAL A 181 -0.27 7.12 -13.92
N GLU A 182 0.24 6.70 -12.77
CA GLU A 182 -0.40 5.60 -11.99
C GLU A 182 -1.81 5.98 -11.57
N VAL A 183 -1.99 7.14 -10.93
N VAL A 183 -1.97 7.14 -10.94
CA VAL A 183 -3.29 7.51 -10.29
CA VAL A 183 -3.27 7.51 -10.31
C VAL A 183 -4.38 7.62 -11.36
C VAL A 183 -4.36 7.59 -11.37
N HIS A 184 -4.05 8.12 -12.57
CA HIS A 184 -5.02 8.28 -13.67
C HIS A 184 -5.25 6.95 -14.39
N ASN A 185 -4.58 5.85 -14.02
CA ASN A 185 -4.80 4.50 -14.60
C ASN A 185 -5.44 3.52 -13.58
N LEU A 186 -5.75 3.98 -12.37
CA LEU A 186 -6.57 3.17 -11.42
C LEU A 186 -8.02 3.16 -11.91
N GLN A 187 -8.56 1.98 -12.21
CA GLN A 187 -9.91 1.82 -12.81
C GLN A 187 -10.94 1.61 -11.70
N PRO A 188 -11.97 2.47 -11.56
CA PRO A 188 -12.99 2.26 -10.53
C PRO A 188 -13.81 1.00 -10.79
N GLU A 189 -13.81 0.46 -12.02
CA GLU A 189 -14.56 -0.82 -12.27
C GLU A 189 -13.87 -1.96 -11.51
N LYS A 190 -12.58 -1.79 -11.17
CA LYS A 190 -11.71 -2.83 -10.56
C LYS A 190 -11.34 -2.46 -9.10
N VAL A 191 -11.05 -1.19 -8.85
CA VAL A 191 -10.48 -0.64 -7.58
C VAL A 191 -11.58 -0.09 -6.69
N GLN A 192 -11.69 -0.61 -5.47
CA GLN A 192 -12.60 -0.07 -4.45
C GLN A 192 -11.97 1.14 -3.72
N THR A 193 -10.73 1.00 -3.29
CA THR A 193 -10.04 1.92 -2.36
C THR A 193 -8.59 2.12 -2.80
N LEU A 194 -8.14 3.38 -2.83
CA LEU A 194 -6.71 3.71 -2.68
C LEU A 194 -6.44 4.13 -1.23
N GLU A 195 -5.56 3.41 -0.55
CA GLU A 195 -5.15 3.71 0.85
C GLU A 195 -3.69 4.19 0.86
N ALA A 196 -3.49 5.45 1.23
CA ALA A 196 -2.18 6.08 1.36
C ALA A 196 -1.65 5.89 2.79
N TRP A 197 -0.38 5.59 2.84
CA TRP A 197 0.46 5.57 4.04
C TRP A 197 1.43 6.74 3.94
N VAL A 198 1.26 7.75 4.79
CA VAL A 198 2.24 8.87 4.78
C VAL A 198 3.30 8.60 5.84
N ILE A 199 4.50 8.26 5.40
CA ILE A 199 5.65 7.90 6.27
C ILE A 199 6.23 9.20 6.81
N HIS A 200 6.17 9.41 8.11
CA HIS A 200 6.84 10.55 8.79
C HIS A 200 8.37 10.35 8.81
N GLY A 201 9.13 11.45 8.78
CA GLY A 201 10.61 11.45 8.82
C GLY A 201 11.17 10.86 10.10
N GLY A 202 10.32 10.57 11.10
CA GLY A 202 10.66 9.77 12.29
C GLY A 202 11.22 10.60 13.45
N ARG A 203 11.51 11.89 13.27
CA ARG A 203 12.13 12.72 14.35
C ARG A 203 11.03 13.16 15.31
N GLU A 204 10.20 14.06 14.81
CA GLU A 204 9.09 14.76 15.49
C GLU A 204 8.30 15.27 14.31
N ASP A 205 7.17 14.67 14.03
CA ASP A 205 6.17 15.27 13.13
C ASP A 205 4.90 14.61 13.58
N SER A 206 4.37 15.15 14.67
CA SER A 206 3.16 14.61 15.32
C SER A 206 1.94 15.13 14.56
N ARG A 207 2.14 15.98 13.56
CA ARG A 207 1.03 16.52 12.73
C ARG A 207 0.32 15.37 11.98
N ASP A 208 -0.98 15.52 11.73
CA ASP A 208 -1.78 14.61 10.85
C ASP A 208 -1.51 14.99 9.40
N LEU A 209 -0.55 14.34 8.76
CA LEU A 209 -0.09 14.73 7.41
C LEU A 209 -1.14 14.32 6.37
N CYS A 210 -2.20 13.57 6.75
CA CYS A 210 -3.35 13.29 5.87
C CYS A 210 -4.18 14.55 5.62
N GLN A 211 -3.91 15.65 6.33
CA GLN A 211 -4.59 16.95 6.12
C GLN A 211 -3.72 17.90 5.30
N ASP A 212 -2.50 17.50 4.94
CA ASP A 212 -1.64 18.27 4.02
C ASP A 212 -2.41 18.62 2.74
N PRO A 213 -2.25 19.85 2.20
CA PRO A 213 -2.94 20.27 0.97
C PRO A 213 -2.70 19.32 -0.21
N THR A 214 -1.49 18.79 -0.37
CA THR A 214 -1.20 17.86 -1.51
C THR A 214 -1.95 16.54 -1.33
N ILE A 215 -2.19 16.09 -0.09
CA ILE A 215 -3.02 14.87 0.17
C ILE A 215 -4.49 15.17 -0.16
N LYS A 216 -4.96 16.37 0.15
CA LYS A 216 -6.31 16.87 -0.23
C LYS A 216 -6.47 16.87 -1.75
N GLU A 217 -5.45 17.27 -2.49
CA GLU A 217 -5.41 17.22 -3.96
C GLU A 217 -5.51 15.75 -4.43
N LEU A 218 -4.68 14.86 -3.87
CA LEU A 218 -4.72 13.41 -4.23
C LEU A 218 -6.13 12.89 -3.95
N GLU A 219 -6.70 13.26 -2.82
CA GLU A 219 -8.04 12.78 -2.39
C GLU A 219 -9.08 13.16 -3.43
N SER A 220 -9.01 14.40 -3.90
CA SER A 220 -9.98 14.98 -4.88
C SER A 220 -9.87 14.21 -6.20
N ILE A 221 -8.64 13.96 -6.66
CA ILE A 221 -8.36 13.21 -7.92
C ILE A 221 -9.03 11.83 -7.79
N ILE A 222 -8.78 11.12 -6.70
CA ILE A 222 -9.25 9.72 -6.53
C ILE A 222 -10.77 9.70 -6.39
N SER A 223 -11.31 10.60 -5.58
CA SER A 223 -12.77 10.76 -5.37
C SER A 223 -13.47 10.96 -6.71
N LYS A 224 -12.88 11.77 -7.59
CA LYS A 224 -13.49 12.11 -8.91
C LYS A 224 -13.47 10.87 -9.81
N ARG A 225 -12.56 9.92 -9.57
CA ARG A 225 -12.53 8.62 -10.28
C ARG A 225 -13.51 7.62 -9.66
N ASN A 226 -14.36 8.02 -8.73
CA ASN A 226 -15.32 7.13 -8.03
C ASN A 226 -14.57 6.00 -7.32
N ILE A 227 -13.40 6.30 -6.78
CA ILE A 227 -12.65 5.40 -5.87
C ILE A 227 -12.64 6.03 -4.48
N GLN A 228 -12.75 5.23 -3.43
CA GLN A 228 -12.61 5.69 -2.02
C GLN A 228 -11.13 5.96 -1.72
N PHE A 229 -10.85 7.15 -1.22
CA PHE A 229 -9.52 7.54 -0.76
C PHE A 229 -9.49 7.42 0.76
N SER A 230 -8.55 6.64 1.26
CA SER A 230 -8.22 6.51 2.70
C SER A 230 -6.78 6.92 2.91
N CYS A 231 -6.49 7.47 4.06
CA CYS A 231 -5.14 7.98 4.38
C CYS A 231 -4.83 7.78 5.87
N LYS A 232 -3.65 7.22 6.13
CA LYS A 232 -3.11 7.07 7.48
CA LYS A 232 -3.12 7.12 7.50
C LYS A 232 -1.64 7.49 7.55
N ASN A 233 -1.22 7.85 8.76
CA ASN A 233 0.13 8.30 9.18
C ASN A 233 0.89 7.11 9.73
N ILE A 234 2.14 7.01 9.32
CA ILE A 234 3.14 6.13 9.97
C ILE A 234 4.05 7.08 10.74
N TYR A 235 3.76 7.29 12.03
CA TYR A 235 4.52 8.23 12.91
C TYR A 235 5.90 7.66 13.23
N ARG A 236 6.00 6.33 13.34
CA ARG A 236 7.18 5.58 13.80
C ARG A 236 7.57 4.59 12.71
N PRO A 237 8.24 5.04 11.64
CA PRO A 237 8.76 4.09 10.65
C PRO A 237 9.69 3.01 11.24
N ASP A 238 10.37 3.30 12.36
CA ASP A 238 11.31 2.33 12.98
C ASP A 238 10.55 1.16 13.61
N LYS A 239 9.23 1.25 13.76
CA LYS A 239 8.39 0.18 14.37
C LYS A 239 7.39 -0.39 13.37
N PHE A 240 7.35 0.18 12.17
CA PHE A 240 6.29 -0.10 11.14
C PHE A 240 6.29 -1.57 10.70
N LEU A 241 7.43 -2.06 10.22
CA LEU A 241 7.54 -3.46 9.74
C LEU A 241 7.14 -4.45 10.84
N GLN A 242 7.62 -4.23 12.06
CA GLN A 242 7.32 -5.13 13.20
C GLN A 242 5.82 -5.10 13.46
N CYS A 243 5.20 -3.90 13.47
CA CYS A 243 3.75 -3.78 13.80
C CYS A 243 2.91 -4.44 12.69
N VAL A 244 3.30 -4.33 11.41
CA VAL A 244 2.55 -4.97 10.29
C VAL A 244 2.47 -6.47 10.55
N LYS A 245 3.55 -7.08 11.03
CA LYS A 245 3.67 -8.55 11.25
C LYS A 245 3.14 -8.96 12.62
N ASN A 246 3.07 -8.03 13.59
CA ASN A 246 2.64 -8.30 14.98
C ASN A 246 1.50 -7.35 15.37
N PRO A 247 0.33 -7.37 14.69
CA PRO A 247 -0.72 -6.38 14.95
C PRO A 247 -1.40 -6.49 16.33
N GLU A 248 -1.17 -7.60 17.05
CA GLU A 248 -1.69 -7.86 18.42
C GLU A 248 -0.66 -7.48 19.50
N ASP A 249 0.52 -6.97 19.12
CA ASP A 249 1.52 -6.43 20.08
C ASP A 249 0.95 -5.14 20.68
N SER A 250 0.89 -5.03 22.01
CA SER A 250 0.21 -3.89 22.69
C SER A 250 0.96 -2.58 22.42
N SER A 251 2.27 -2.61 22.15
CA SER A 251 3.02 -1.38 21.78
C SER A 251 2.60 -0.86 20.39
N CYS A 252 1.94 -1.68 19.56
CA CYS A 252 1.50 -1.24 18.19
C CYS A 252 0.13 -0.57 18.30
N THR A 253 -0.76 -1.13 19.10
CA THR A 253 -2.19 -0.72 19.09
C THR A 253 -2.35 0.60 19.82
N SER A 254 -1.38 0.94 20.69
CA SER A 254 -1.34 2.23 21.42
CA SER A 254 -1.32 2.23 21.43
C SER A 254 -1.37 3.41 20.46
N GLU A 255 -1.04 3.22 19.17
CA GLU A 255 -0.99 4.32 18.16
C GLU A 255 -2.40 4.83 17.78
N ILE A 256 -3.49 4.19 18.22
CA ILE A 256 -4.90 4.68 17.95
C ILE A 256 -5.17 5.97 18.75
N GLN B 1 -23.81 12.90 8.84
CA GLN B 1 -24.50 12.03 9.83
C GLN B 1 -23.75 10.69 9.94
N VAL B 2 -22.42 10.73 9.99
CA VAL B 2 -21.57 9.55 10.30
C VAL B 2 -21.83 9.18 11.76
N GLN B 3 -22.35 7.98 12.01
CA GLN B 3 -22.80 7.56 13.35
C GLN B 3 -22.50 6.06 13.58
N LEU B 4 -22.14 5.76 14.81
CA LEU B 4 -21.96 4.38 15.33
C LEU B 4 -22.80 4.27 16.59
N VAL B 5 -23.65 3.26 16.70
CA VAL B 5 -24.51 3.08 17.89
C VAL B 5 -24.34 1.67 18.45
N GLU B 6 -23.70 1.55 19.62
CA GLU B 6 -23.47 0.26 20.31
C GLU B 6 -24.74 -0.13 21.08
N SER B 7 -25.04 -1.42 21.12
CA SER B 7 -26.15 -2.02 21.90
CA SER B 7 -26.14 -2.00 21.93
C SER B 7 -25.70 -3.35 22.51
N GLY B 8 -26.32 -3.76 23.62
CA GLY B 8 -26.17 -5.13 24.17
C GLY B 8 -25.55 -5.16 25.56
N GLY B 9 -25.11 -4.03 26.06
CA GLY B 9 -24.45 -3.94 27.37
C GLY B 9 -25.47 -4.27 28.46
N GLY B 10 -25.00 -4.81 29.57
CA GLY B 10 -25.85 -5.06 30.74
C GLY B 10 -25.00 -5.72 31.80
N VAL B 11 -25.66 -6.38 32.77
CA VAL B 11 -24.97 -6.97 33.96
C VAL B 11 -25.04 -8.47 33.73
N VAL B 12 -23.90 -9.17 33.80
CA VAL B 12 -23.85 -10.65 33.65
C VAL B 12 -22.91 -11.21 34.72
N GLN B 13 -23.04 -12.48 34.99
CA GLN B 13 -22.19 -13.13 36.02
C GLN B 13 -20.99 -13.70 35.28
N PRO B 14 -19.82 -13.81 35.95
CA PRO B 14 -18.64 -14.50 35.40
C PRO B 14 -18.98 -15.85 34.76
N GLY B 15 -18.31 -16.18 33.64
CA GLY B 15 -18.49 -17.45 32.91
C GLY B 15 -19.47 -17.30 31.77
N ARG B 16 -20.34 -16.29 31.81
CA ARG B 16 -21.41 -16.17 30.79
C ARG B 16 -20.85 -15.49 29.53
N SER B 17 -21.73 -15.42 28.54
CA SER B 17 -21.51 -14.80 27.21
C SER B 17 -22.43 -13.58 27.07
N LEU B 18 -22.01 -12.67 26.21
CA LEU B 18 -22.82 -11.48 25.83
C LEU B 18 -22.40 -11.08 24.43
N ARG B 19 -23.37 -10.77 23.56
CA ARG B 19 -23.06 -10.26 22.21
C ARG B 19 -23.34 -8.76 22.13
N LEU B 20 -22.33 -7.96 21.75
CA LEU B 20 -22.52 -6.51 21.49
C LEU B 20 -22.74 -6.31 19.99
N SER B 21 -23.55 -5.32 19.63
CA SER B 21 -23.79 -4.89 18.24
C SER B 21 -23.37 -3.44 18.13
N CYS B 22 -22.96 -3.02 16.95
CA CYS B 22 -22.62 -1.60 16.66
C CYS B 22 -23.18 -1.27 15.29
N ALA B 23 -24.20 -0.43 15.25
CA ALA B 23 -24.97 -0.12 14.02
C ALA B 23 -24.31 1.11 13.38
N ALA B 24 -23.87 0.98 12.13
CA ALA B 24 -23.14 2.05 11.44
C ALA B 24 -24.09 2.69 10.43
N SER B 25 -23.98 3.99 10.26
CA SER B 25 -24.74 4.72 9.23
C SER B 25 -23.97 5.98 8.86
N GLY B 26 -24.26 6.50 7.66
CA GLY B 26 -23.71 7.80 7.22
C GLY B 26 -22.40 7.67 6.50
N PHE B 27 -21.91 6.45 6.25
CA PHE B 27 -20.65 6.21 5.52
C PHE B 27 -20.70 4.80 4.97
N THR B 28 -19.79 4.44 4.05
CA THR B 28 -19.80 3.13 3.38
C THR B 28 -19.13 2.11 4.32
N PHE B 29 -19.90 1.57 5.26
CA PHE B 29 -19.40 0.69 6.35
C PHE B 29 -18.48 -0.38 5.76
N SER B 30 -18.92 -0.99 4.65
CA SER B 30 -18.28 -2.18 4.00
C SER B 30 -16.88 -1.85 3.45
N SER B 31 -16.47 -0.59 3.41
CA SER B 31 -15.13 -0.16 2.92
C SER B 31 -14.14 0.20 4.05
N TYR B 32 -14.51 0.03 5.33
CA TYR B 32 -13.65 0.45 6.46
C TYR B 32 -13.41 -0.68 7.45
N GLY B 33 -12.16 -0.72 7.93
CA GLY B 33 -11.79 -1.46 9.15
C GLY B 33 -12.62 -0.92 10.32
N MET B 34 -12.89 -1.77 11.29
CA MET B 34 -13.67 -1.41 12.49
C MET B 34 -12.98 -2.01 13.72
N HIS B 35 -13.06 -1.29 14.84
CA HIS B 35 -12.46 -1.69 16.13
C HIS B 35 -13.50 -1.77 17.24
N TRP B 36 -13.17 -2.59 18.24
CA TRP B 36 -13.70 -2.50 19.62
C TRP B 36 -12.59 -2.03 20.57
N VAL B 37 -12.94 -1.04 21.39
CA VAL B 37 -12.06 -0.43 22.41
C VAL B 37 -12.92 -0.35 23.67
N ARG B 38 -12.34 -0.71 24.81
CA ARG B 38 -13.14 -0.71 26.08
C ARG B 38 -12.45 0.21 27.10
N GLN B 39 -13.22 0.65 28.08
CA GLN B 39 -12.66 1.53 29.13
C GLN B 39 -13.36 1.21 30.44
N ALA B 40 -12.64 0.55 31.36
CA ALA B 40 -13.13 0.26 32.71
C ALA B 40 -13.29 1.60 33.42
N PRO B 41 -14.38 1.81 34.17
CA PRO B 41 -14.57 3.08 34.87
C PRO B 41 -13.32 3.44 35.70
N GLY B 42 -12.78 4.64 35.49
CA GLY B 42 -11.63 5.19 36.21
C GLY B 42 -10.29 4.78 35.63
N LYS B 43 -10.27 3.98 34.54
CA LYS B 43 -9.04 3.38 33.98
C LYS B 43 -8.83 3.89 32.55
N GLU B 44 -7.64 3.67 32.00
CA GLU B 44 -7.31 4.11 30.63
C GLU B 44 -8.01 3.17 29.63
N ARG B 45 -8.30 3.71 28.44
CA ARG B 45 -8.90 2.93 27.33
C ARG B 45 -7.99 1.75 27.00
N GLU B 46 -8.59 0.61 26.69
CA GLU B 46 -7.86 -0.60 26.25
C GLU B 46 -8.44 -1.04 24.89
N TRP B 47 -7.63 -1.01 23.84
CA TRP B 47 -7.93 -1.66 22.54
C TRP B 47 -8.25 -3.14 22.75
N VAL B 48 -9.30 -3.63 22.14
CA VAL B 48 -9.83 -5.02 22.26
C VAL B 48 -9.60 -5.81 20.96
N ALA B 49 -10.03 -5.28 19.81
CA ALA B 49 -10.03 -6.09 18.57
C ALA B 49 -10.20 -5.20 17.34
N VAL B 50 -9.80 -5.73 16.19
CA VAL B 50 -9.94 -5.06 14.86
C VAL B 50 -10.40 -6.10 13.81
N ILE B 51 -11.22 -5.65 12.87
CA ILE B 51 -11.67 -6.48 11.71
C ILE B 51 -11.50 -5.62 10.46
N SER B 52 -10.88 -6.19 9.43
CA SER B 52 -10.71 -5.46 8.15
C SER B 52 -12.09 -5.26 7.49
N ASP B 53 -12.18 -4.35 6.54
CA ASP B 53 -13.42 -4.11 5.77
C ASP B 53 -14.00 -5.44 5.26
N ASP B 54 -13.18 -6.35 4.77
CA ASP B 54 -13.64 -7.61 4.13
C ASP B 54 -13.70 -8.76 5.15
N GLY B 55 -13.41 -8.51 6.44
CA GLY B 55 -13.35 -9.56 7.49
C GLY B 55 -12.17 -10.53 7.39
N SER B 56 -11.21 -10.35 6.47
CA SER B 56 -10.08 -11.31 6.26
C SER B 56 -9.09 -11.22 7.43
N ASN B 57 -8.97 -10.04 8.03
CA ASN B 57 -8.11 -9.78 9.20
C ASN B 57 -8.99 -9.62 10.45
N LYS B 58 -8.75 -10.45 11.45
CA LYS B 58 -9.36 -10.33 12.78
C LYS B 58 -8.20 -10.42 13.78
N TYR B 59 -7.95 -9.37 14.56
CA TYR B 59 -6.89 -9.42 15.60
C TYR B 59 -7.45 -8.98 16.94
N TYR B 60 -6.84 -9.46 18.04
CA TYR B 60 -7.38 -9.38 19.41
C TYR B 60 -6.28 -9.03 20.40
N ALA B 61 -6.61 -8.21 21.42
CA ALA B 61 -5.73 -8.01 22.59
C ALA B 61 -5.47 -9.38 23.26
N ASP B 62 -4.28 -9.58 23.77
CA ASP B 62 -3.89 -10.80 24.52
C ASP B 62 -4.93 -11.06 25.63
N SER B 63 -5.50 -10.02 26.21
CA SER B 63 -6.40 -10.05 27.39
C SER B 63 -7.76 -10.66 27.04
N VAL B 64 -8.12 -10.73 25.75
CA VAL B 64 -9.43 -11.28 25.31
C VAL B 64 -9.26 -12.42 24.29
N LYS B 65 -8.05 -12.66 23.81
CA LYS B 65 -7.87 -13.65 22.73
C LYS B 65 -8.37 -15.02 23.16
N GLY B 66 -9.12 -15.70 22.31
CA GLY B 66 -9.61 -17.04 22.63
C GLY B 66 -10.96 -17.00 23.33
N ARG B 67 -11.42 -15.85 23.82
CA ARG B 67 -12.74 -15.73 24.53
C ARG B 67 -13.72 -14.85 23.75
N PHE B 68 -13.19 -13.85 23.02
CA PHE B 68 -13.96 -12.86 22.22
C PHE B 68 -13.77 -13.14 20.74
N THR B 69 -14.83 -12.94 19.95
CA THR B 69 -14.85 -13.03 18.47
C THR B 69 -15.45 -11.76 17.89
N ILE B 70 -14.73 -11.14 16.96
CA ILE B 70 -15.21 -9.96 16.19
C ILE B 70 -15.73 -10.43 14.84
N SER B 71 -16.83 -9.83 14.39
CA SER B 71 -17.48 -10.25 13.13
C SER B 71 -18.23 -9.04 12.60
N ARG B 72 -18.61 -9.07 11.33
CA ARG B 72 -19.35 -7.94 10.73
C ARG B 72 -20.33 -8.49 9.71
N ASP B 73 -21.43 -7.77 9.56
CA ASP B 73 -22.45 -8.01 8.51
C ASP B 73 -22.52 -6.75 7.64
N ASN B 74 -21.86 -6.78 6.47
CA ASN B 74 -21.73 -5.59 5.59
C ASN B 74 -23.08 -5.27 4.94
N SER B 75 -23.99 -6.23 4.82
CA SER B 75 -25.36 -5.96 4.31
C SER B 75 -26.17 -5.25 5.41
N LYS B 76 -26.00 -5.60 6.69
CA LYS B 76 -26.75 -4.90 7.77
C LYS B 76 -25.97 -3.69 8.31
N ASN B 77 -24.77 -3.42 7.80
CA ASN B 77 -23.88 -2.35 8.30
C ASN B 77 -23.77 -2.46 9.84
N THR B 78 -23.50 -3.67 10.31
CA THR B 78 -23.36 -3.96 11.75
C THR B 78 -22.05 -4.66 12.07
N LEU B 79 -21.32 -4.15 13.06
CA LEU B 79 -20.17 -4.85 13.68
C LEU B 79 -20.67 -5.56 14.94
N TYR B 80 -20.12 -6.75 15.25
CA TYR B 80 -20.45 -7.52 16.47
C TYR B 80 -19.19 -7.78 17.28
N LEU B 81 -19.38 -7.97 18.60
CA LEU B 81 -18.36 -8.57 19.47
C LEU B 81 -19.04 -9.69 20.27
N GLN B 82 -18.63 -10.95 20.05
CA GLN B 82 -19.18 -12.09 20.81
C GLN B 82 -18.20 -12.31 21.95
N MET B 83 -18.65 -12.10 23.18
CA MET B 83 -17.79 -12.25 24.37
C MET B 83 -18.23 -13.53 25.07
N ASN B 84 -17.31 -14.46 25.32
CA ASN B 84 -17.57 -15.73 26.05
C ASN B 84 -16.68 -15.79 27.29
N SER B 85 -17.02 -16.65 28.26
CA SER B 85 -16.21 -16.83 29.49
C SER B 85 -15.89 -15.48 30.11
N LEU B 86 -16.91 -14.64 30.26
CA LEU B 86 -16.63 -13.25 30.73
C LEU B 86 -16.03 -13.30 32.14
N ARG B 87 -15.11 -12.39 32.44
CA ARG B 87 -14.44 -12.26 33.75
C ARG B 87 -14.78 -10.90 34.31
N VAL B 88 -14.66 -10.74 35.64
N VAL B 88 -14.65 -10.73 35.64
CA VAL B 88 -14.93 -9.45 36.35
CA VAL B 88 -14.93 -9.45 36.35
C VAL B 88 -14.07 -8.35 35.71
C VAL B 88 -14.08 -8.35 35.69
N GLU B 89 -12.84 -8.68 35.32
CA GLU B 89 -11.87 -7.72 34.70
C GLU B 89 -12.31 -7.31 33.30
N ASP B 90 -13.31 -7.96 32.71
CA ASP B 90 -13.91 -7.54 31.41
C ASP B 90 -14.89 -6.38 31.57
N THR B 91 -15.26 -6.01 32.81
CA THR B 91 -16.22 -4.90 33.07
C THR B 91 -15.66 -3.63 32.45
N ALA B 92 -16.47 -2.97 31.63
CA ALA B 92 -16.04 -1.73 30.94
C ALA B 92 -17.17 -1.23 30.04
N VAL B 93 -17.03 0.02 29.63
CA VAL B 93 -17.83 0.60 28.54
C VAL B 93 -17.14 0.13 27.26
N TYR B 94 -17.88 -0.56 26.40
CA TYR B 94 -17.36 -1.05 25.09
C TYR B 94 -17.76 -0.07 24.00
N TYR B 95 -16.76 0.43 23.26
CA TYR B 95 -16.95 1.36 22.13
C TYR B 95 -16.61 0.65 20.81
N CYS B 96 -17.41 0.92 19.78
CA CYS B 96 -16.95 0.63 18.41
C CYS B 96 -16.41 1.90 17.79
N ALA B 97 -15.48 1.74 16.87
CA ALA B 97 -14.79 2.87 16.26
C ALA B 97 -14.45 2.53 14.82
N LYS B 98 -14.47 3.54 13.94
CA LYS B 98 -14.20 3.37 12.49
C LYS B 98 -12.73 3.66 12.23
N ASP B 99 -12.08 2.77 11.51
CA ASP B 99 -10.70 2.97 11.05
C ASP B 99 -10.68 4.03 9.98
N ARG B 100 -9.61 4.78 9.83
CA ARG B 100 -9.42 5.70 8.67
C ARG B 100 -9.38 4.91 7.34
N GLY B 101 -8.92 3.65 7.38
CA GLY B 101 -8.69 2.82 6.19
C GLY B 101 -9.33 1.45 6.32
N THR B 102 -8.73 0.46 5.63
CA THR B 102 -9.35 -0.87 5.39
C THR B 102 -8.86 -1.92 6.39
N MET B 103 -7.63 -1.78 6.89
CA MET B 103 -6.95 -2.77 7.74
C MET B 103 -6.82 -4.14 7.03
N ARG B 104 -6.78 -4.19 5.70
CA ARG B 104 -6.22 -5.35 4.96
C ARG B 104 -4.73 -5.48 5.25
N VAL B 105 -4.07 -4.35 5.42
CA VAL B 105 -2.74 -4.27 6.05
C VAL B 105 -2.96 -3.51 7.35
N VAL B 106 -2.56 -4.09 8.47
CA VAL B 106 -2.90 -3.52 9.80
C VAL B 106 -1.90 -2.42 10.10
N VAL B 107 -2.37 -1.18 9.97
CA VAL B 107 -1.59 0.05 10.25
C VAL B 107 -2.42 0.87 11.24
N TYR B 108 -1.88 1.14 12.43
CA TYR B 108 -2.63 1.80 13.52
C TYR B 108 -2.41 3.30 13.46
N ASP B 109 -3.49 4.05 13.30
CA ASP B 109 -3.50 5.53 13.42
C ASP B 109 -4.72 5.94 14.23
N THR B 110 -4.89 7.24 14.45
CA THR B 110 -6.06 7.79 15.19
C THR B 110 -7.35 7.25 14.58
N LEU B 111 -8.31 6.84 15.39
CA LEU B 111 -9.62 6.42 14.87
C LEU B 111 -10.48 7.69 14.71
N ASP B 112 -11.18 7.86 13.59
CA ASP B 112 -11.87 9.15 13.31
C ASP B 112 -13.20 9.18 14.07
N ILE B 113 -13.98 8.11 14.00
CA ILE B 113 -15.37 8.17 14.53
C ILE B 113 -15.49 7.10 15.62
N TRP B 114 -16.15 7.48 16.72
CA TRP B 114 -16.39 6.64 17.92
C TRP B 114 -17.88 6.57 18.17
N GLY B 115 -18.41 5.45 18.63
CA GLY B 115 -19.76 5.40 19.21
C GLY B 115 -19.80 5.98 20.62
N GLN B 116 -20.95 5.89 21.28
CA GLN B 116 -21.15 6.40 22.67
C GLN B 116 -20.82 5.28 23.67
N GLY B 117 -20.60 4.06 23.19
CA GLY B 117 -20.26 2.90 24.02
C GLY B 117 -21.49 2.29 24.67
N THR B 118 -21.31 1.08 25.23
CA THR B 118 -22.35 0.31 25.94
C THR B 118 -21.67 -0.31 27.18
N LEU B 119 -22.18 -0.02 28.40
CA LEU B 119 -21.50 -0.54 29.63
C LEU B 119 -21.81 -2.03 29.75
N VAL B 120 -20.76 -2.83 29.94
CA VAL B 120 -20.89 -4.26 30.30
C VAL B 120 -20.35 -4.44 31.72
N THR B 121 -21.15 -5.00 32.60
CA THR B 121 -20.78 -5.25 34.03
C THR B 121 -20.76 -6.76 34.25
N VAL B 122 -19.61 -7.28 34.63
CA VAL B 122 -19.45 -8.71 34.99
C VAL B 122 -19.20 -8.73 36.50
N SER B 123 -20.19 -9.23 37.24
CA SER B 123 -20.21 -9.15 38.72
C SER B 123 -21.02 -10.35 39.22
N SER B 124 -20.52 -11.04 40.25
CA SER B 124 -21.21 -12.19 40.89
C SER B 124 -22.49 -11.70 41.59
N HIS B 125 -22.34 -10.82 42.60
CA HIS B 125 -23.45 -10.22 43.41
C HIS B 125 -24.33 -9.32 42.53
#